data_6IR4
#
_entry.id   6IR4
#
_cell.length_a   71.273
_cell.length_b   71.273
_cell.length_c   98.737
_cell.angle_alpha   90.00
_cell.angle_beta   90.00
_cell.angle_gamma   120.00
#
_symmetry.space_group_name_H-M   'P 31 2 1'
#
loop_
_entity.id
_entity.type
_entity.pdbx_description
1 polymer 'Slr0355 protein'
2 water water
#
_entity_poly.entity_id   1
_entity_poly.type   'polypeptide(L)'
_entity_poly.pdbx_seq_one_letter_code
;MASWSHPQFEKGGENNSLAPLRVGILGFGGLGQAAARLLAPKQEMKLVAVADRHGYLYDADGIDVDNAVQAYTQQGSVGK
AKKGQMSEQSIEDLIGEGEVDGYFLALPNLPNTFMADVTRQFIASGWQGVLVDALKRTSAVEQLITLREDLAQAGITYMT
GCGATPGLLTAAAAIASQSFQEIHQVKITFGVGIANWEAYRATIREDIAHMPGYNVDKAQAMTDAEVAALLDQTNGILAL
EDMEHADDIMLELAGICHRDQVTVGGVVDTRNPKKPLSTHVKITGRTFEGKISSHTFTLGDETSMAANVCGPAFGYLKAG
YGLHRQGLKGLFTAADVMPKFVR
;
_entity_poly.pdbx_strand_id   A
#
# COMPACT_ATOMS: atom_id res chain seq x y z
N SER A 17 3.13 0.70 25.06
CA SER A 17 3.84 -0.61 25.16
C SER A 17 3.35 -1.48 26.31
N LEU A 18 2.64 -0.90 27.29
CA LEU A 18 1.77 -1.72 28.14
C LEU A 18 0.57 -2.14 27.28
N ALA A 19 0.11 -1.21 26.44
CA ALA A 19 -0.98 -1.45 25.50
C ALA A 19 -0.55 -1.16 24.05
N PRO A 20 0.30 -2.03 23.47
CA PRO A 20 0.65 -1.88 22.06
C PRO A 20 -0.55 -1.93 21.12
N LEU A 21 -0.44 -1.26 19.98
CA LEU A 21 -1.44 -1.37 18.96
C LEU A 21 -1.45 -2.81 18.45
N ARG A 22 -2.64 -3.38 18.29
CA ARG A 22 -2.77 -4.74 17.83
C ARG A 22 -3.18 -4.71 16.39
N VAL A 23 -2.36 -5.26 15.51
CA VAL A 23 -2.66 -5.14 14.10
C VAL A 23 -2.70 -6.46 13.34
N GLY A 24 -3.38 -6.43 12.19
CA GLY A 24 -3.41 -7.55 11.26
C GLY A 24 -2.93 -7.18 9.89
N ILE A 25 -2.60 -8.19 9.10
CA ILE A 25 -2.19 -8.00 7.73
C ILE A 25 -3.06 -8.92 6.88
N LEU A 26 -3.67 -8.39 5.80
CA LEU A 26 -4.43 -9.20 4.85
C LEU A 26 -3.75 -9.22 3.50
N GLY A 27 -3.43 -10.42 3.04
CA GLY A 27 -2.58 -10.61 1.88
C GLY A 27 -1.23 -11.02 2.43
N PHE A 28 -0.67 -12.14 1.96
CA PHE A 28 0.63 -12.60 2.47
C PHE A 28 1.55 -13.05 1.39
N GLY A 29 1.49 -12.35 0.27
CA GLY A 29 2.54 -12.40 -0.72
C GLY A 29 3.77 -11.72 -0.16
N GLY A 30 4.67 -11.35 -1.06
CA GLY A 30 5.95 -10.80 -0.64
C GLY A 30 5.83 -9.51 0.17
N LEU A 31 4.86 -8.68 -0.17
CA LEU A 31 4.68 -7.43 0.53
C LEU A 31 4.13 -7.66 1.93
N GLY A 32 3.13 -8.50 2.04
CA GLY A 32 2.55 -8.75 3.37
C GLY A 32 3.51 -9.43 4.32
N GLN A 33 4.34 -10.31 3.77
CA GLN A 33 5.40 -10.98 4.51
C GLN A 33 6.43 -9.95 4.97
N ALA A 34 6.82 -9.03 4.08
CA ALA A 34 7.72 -7.92 4.44
C ALA A 34 7.10 -7.12 5.57
N ALA A 35 5.82 -6.83 5.47
CA ALA A 35 5.15 -6.09 6.53
C ALA A 35 5.25 -6.77 7.88
N ALA A 36 5.07 -8.09 7.91
CA ALA A 36 5.18 -8.84 9.13
C ALA A 36 6.59 -8.69 9.73
N ARG A 37 7.62 -8.82 8.89
CA ARG A 37 9.03 -8.67 9.36
C ARG A 37 9.29 -7.24 9.84
N LEU A 38 8.75 -6.24 9.14
CA LEU A 38 8.90 -4.86 9.61
C LEU A 38 8.34 -4.65 11.00
N LEU A 39 7.24 -5.31 11.29
CA LEU A 39 6.63 -5.17 12.62
C LEU A 39 7.33 -5.91 13.79
N ALA A 40 8.09 -6.96 13.48
CA ALA A 40 8.66 -7.83 14.55
C ALA A 40 9.30 -7.02 15.67
N PRO A 41 10.25 -6.13 15.33
CA PRO A 41 10.98 -5.40 16.37
C PRO A 41 10.26 -4.29 17.09
N LYS A 42 9.00 -4.01 16.73
CA LYS A 42 8.30 -2.87 17.24
C LYS A 42 7.87 -3.15 18.64
N GLN A 43 7.79 -2.10 19.44
CA GLN A 43 7.43 -2.22 20.82
C GLN A 43 5.99 -1.83 21.05
N GLU A 44 5.47 -0.96 20.20
CA GLU A 44 4.18 -0.32 20.44
C GLU A 44 3.17 -0.73 19.37
N MET A 45 3.52 -1.73 18.59
CA MET A 45 2.62 -2.33 17.63
C MET A 45 2.89 -3.83 17.64
N LYS A 46 1.84 -4.64 17.66
CA LYS A 46 1.96 -6.12 17.73
C LYS A 46 1.12 -6.78 16.64
N LEU A 47 1.76 -7.56 15.79
CA LEU A 47 1.07 -8.30 14.73
C LEU A 47 0.35 -9.47 15.40
N VAL A 48 -0.98 -9.46 15.36
CA VAL A 48 -1.80 -10.54 15.93
C VAL A 48 -2.53 -11.39 14.92
N ALA A 49 -2.53 -10.98 13.66
CA ALA A 49 -3.43 -11.58 12.70
C ALA A 49 -2.94 -11.47 11.29
N VAL A 50 -2.90 -12.59 10.59
CA VAL A 50 -2.68 -12.60 9.15
C VAL A 50 -3.76 -13.39 8.43
N ALA A 51 -4.21 -12.94 7.27
CA ALA A 51 -5.03 -13.77 6.39
C ALA A 51 -4.43 -13.87 5.02
N ASP A 52 -4.59 -15.03 4.39
CA ASP A 52 -4.35 -15.17 2.96
C ASP A 52 -5.61 -15.78 2.34
N ARG A 53 -5.62 -15.94 1.01
CA ARG A 53 -6.82 -16.44 0.30
C ARG A 53 -7.43 -17.72 0.87
N HIS A 54 -6.61 -18.67 1.35
CA HIS A 54 -7.15 -19.98 1.76
C HIS A 54 -7.09 -20.22 3.24
N GLY A 55 -6.82 -19.21 4.06
CA GLY A 55 -6.56 -19.48 5.46
C GLY A 55 -6.08 -18.29 6.25
N TYR A 56 -6.15 -18.40 7.58
CA TYR A 56 -5.75 -17.33 8.48
C TYR A 56 -5.05 -17.82 9.72
N LEU A 57 -4.35 -16.88 10.35
CA LEU A 57 -3.63 -17.14 11.60
C LEU A 57 -3.87 -16.00 12.59
N TYR A 58 -4.33 -16.33 13.79
CA TYR A 58 -4.50 -15.37 14.89
C TYR A 58 -3.73 -15.83 16.12
N ASP A 59 -3.16 -14.87 16.84
CA ASP A 59 -2.41 -15.15 18.05
C ASP A 59 -2.26 -13.86 18.84
N ALA A 60 -3.05 -13.73 19.88
CA ALA A 60 -3.10 -12.50 20.63
C ALA A 60 -1.76 -12.16 21.25
N ASP A 61 -0.89 -13.14 21.42
CA ASP A 61 0.42 -12.89 22.01
C ASP A 61 1.48 -12.46 21.02
N GLY A 62 1.12 -12.37 19.73
CA GLY A 62 2.08 -11.98 18.69
C GLY A 62 2.26 -13.14 17.75
N ILE A 63 2.10 -12.89 16.46
CA ILE A 63 2.33 -13.90 15.44
C ILE A 63 3.80 -14.33 15.43
N ASP A 64 4.06 -15.62 15.20
CA ASP A 64 5.41 -16.14 15.03
C ASP A 64 5.69 -16.07 13.54
N VAL A 65 6.44 -15.06 13.12
CA VAL A 65 6.48 -14.72 11.71
C VAL A 65 7.19 -15.80 10.90
N ASP A 66 8.27 -16.34 11.44
CA ASP A 66 9.03 -17.43 10.75
C ASP A 66 8.15 -18.62 10.42
N ASN A 67 7.31 -18.93 11.38
CA ASN A 67 6.38 -20.05 11.31
C ASN A 67 5.32 -19.78 10.25
N ALA A 68 4.73 -18.59 10.31
CA ALA A 68 3.76 -18.14 9.28
C ALA A 68 4.36 -18.12 7.87
N VAL A 69 5.59 -17.63 7.75
CA VAL A 69 6.21 -17.54 6.43
C VAL A 69 6.53 -18.94 5.88
N GLN A 70 7.00 -19.83 6.75
CA GLN A 70 7.25 -21.22 6.35
C GLN A 70 5.94 -21.86 5.90
N ALA A 71 4.95 -21.82 6.77
CA ALA A 71 3.63 -22.35 6.45
C ALA A 71 3.15 -21.84 5.11
N TYR A 72 3.32 -20.56 4.86
CA TYR A 72 2.79 -20.02 3.63
C TYR A 72 3.56 -20.51 2.41
N THR A 73 4.87 -20.40 2.45
CA THR A 73 5.66 -20.65 1.25
C THR A 73 5.74 -22.13 0.96
N GLN A 74 5.75 -22.93 2.03
CA GLN A 74 5.97 -24.37 1.93
C GLN A 74 4.68 -25.16 1.81
N GLN A 75 3.66 -24.72 2.55
CA GLN A 75 2.37 -25.40 2.52
C GLN A 75 1.26 -24.58 1.86
N GLY A 76 1.57 -23.40 1.30
CA GLY A 76 0.61 -22.63 0.50
C GLY A 76 -0.34 -21.69 1.23
N SER A 77 -0.43 -21.79 2.56
CA SER A 77 -1.26 -20.85 3.34
C SER A 77 -0.78 -20.76 4.78
N VAL A 78 -1.00 -19.59 5.40
CA VAL A 78 -0.75 -19.43 6.82
C VAL A 78 -1.74 -20.23 7.66
N GLY A 79 -2.89 -20.61 7.09
CA GLY A 79 -3.78 -21.59 7.73
C GLY A 79 -3.08 -22.90 8.14
N LYS A 80 -1.95 -23.21 7.49
CA LYS A 80 -1.14 -24.39 7.80
C LYS A 80 -0.06 -24.13 8.84
N ALA A 81 -0.01 -22.94 9.43
CA ALA A 81 0.94 -22.66 10.51
C ALA A 81 0.40 -23.21 11.81
N LYS A 82 1.30 -23.37 12.77
CA LYS A 82 1.04 -23.93 14.10
C LYS A 82 -0.38 -23.76 14.61
N LYS A 83 -0.84 -22.51 14.69
CA LYS A 83 -2.19 -22.23 15.19
C LYS A 83 -3.10 -21.70 14.10
N GLY A 84 -2.79 -22.04 12.85
CA GLY A 84 -3.57 -21.57 11.70
C GLY A 84 -4.87 -22.30 11.50
N GLN A 85 -5.77 -21.65 10.75
CA GLN A 85 -7.04 -22.23 10.34
C GLN A 85 -7.20 -22.08 8.86
N MET A 86 -7.56 -23.16 8.20
CA MET A 86 -7.85 -23.08 6.79
C MET A 86 -9.26 -22.56 6.65
N SER A 87 -9.52 -21.84 5.57
CA SER A 87 -10.86 -21.31 5.34
C SER A 87 -10.92 -20.66 3.99
N GLU A 88 -12.04 -20.82 3.29
CA GLU A 88 -12.27 -20.10 2.04
C GLU A 88 -13.01 -18.78 2.24
N GLN A 89 -13.31 -18.42 3.49
CA GLN A 89 -13.63 -17.03 3.80
C GLN A 89 -12.79 -16.62 5.02
N SER A 90 -11.47 -16.59 4.79
CA SER A 90 -10.53 -16.30 5.86
C SER A 90 -10.78 -14.92 6.45
N ILE A 91 -11.11 -13.97 5.59
CA ILE A 91 -11.27 -12.58 6.05
C ILE A 91 -12.49 -12.49 6.98
N GLU A 92 -13.65 -12.88 6.46
CA GLU A 92 -14.84 -12.93 7.29
C GLU A 92 -14.53 -13.56 8.66
N ASP A 93 -13.94 -14.75 8.63
CA ASP A 93 -13.64 -15.48 9.86
C ASP A 93 -12.68 -14.74 10.80
N LEU A 94 -11.59 -14.24 10.22
CA LEU A 94 -10.54 -13.57 11.02
C LEU A 94 -11.08 -12.33 11.75
N ILE A 95 -11.86 -11.53 11.04
CA ILE A 95 -12.45 -10.35 11.65
C ILE A 95 -13.04 -10.71 13.02
N GLY A 96 -14.02 -11.61 13.01
CA GLY A 96 -14.71 -12.03 14.23
C GLY A 96 -13.84 -12.72 15.28
N GLU A 97 -12.68 -13.22 14.86
CA GLU A 97 -11.83 -14.04 15.69
C GLU A 97 -11.21 -13.35 16.94
N GLY A 98 -10.97 -12.04 16.91
CA GLY A 98 -10.44 -11.39 18.11
C GLY A 98 -10.12 -9.92 17.97
N GLU A 99 -9.41 -9.38 18.97
CA GLU A 99 -9.16 -7.95 19.11
C GLU A 99 -8.04 -7.45 18.20
N VAL A 100 -8.40 -6.70 17.18
CA VAL A 100 -7.43 -6.06 16.27
C VAL A 100 -7.85 -4.61 16.04
N ASP A 101 -6.93 -3.68 16.31
CA ASP A 101 -7.22 -2.23 16.26
C ASP A 101 -7.11 -1.68 14.86
N GLY A 102 -6.34 -2.37 14.02
CA GLY A 102 -6.35 -2.05 12.61
C GLY A 102 -5.67 -3.08 11.78
N TYR A 103 -5.93 -3.02 10.48
CA TYR A 103 -5.40 -3.94 9.51
C TYR A 103 -4.71 -3.20 8.40
N PHE A 104 -3.62 -3.77 7.89
CA PHE A 104 -3.03 -3.35 6.65
C PHE A 104 -3.47 -4.31 5.54
N LEU A 105 -4.06 -3.72 4.48
CA LEU A 105 -4.55 -4.44 3.34
C LEU A 105 -3.43 -4.55 2.31
N ALA A 106 -2.65 -5.60 2.48
CA ALA A 106 -1.44 -5.83 1.70
C ALA A 106 -1.82 -6.48 0.36
N LEU A 107 -3.11 -6.77 0.24
CA LEU A 107 -3.75 -7.45 -0.87
C LEU A 107 -3.55 -6.68 -2.16
N PRO A 108 -3.20 -7.41 -3.22
CA PRO A 108 -3.45 -6.91 -4.58
C PRO A 108 -4.96 -6.67 -4.79
N ASN A 109 -5.31 -5.60 -5.48
CA ASN A 109 -6.72 -5.33 -5.78
C ASN A 109 -7.18 -6.16 -6.98
N LEU A 110 -7.51 -7.43 -6.70
CA LEU A 110 -7.80 -8.43 -7.73
C LEU A 110 -8.85 -9.42 -7.21
N PRO A 111 -9.97 -9.56 -7.94
CA PRO A 111 -10.25 -8.72 -9.12
C PRO A 111 -10.21 -7.22 -8.77
N ASN A 112 -10.15 -6.33 -9.77
CA ASN A 112 -9.98 -4.89 -9.49
C ASN A 112 -11.08 -4.22 -8.60
N THR A 113 -11.97 -5.02 -8.03
CA THR A 113 -12.96 -4.54 -7.06
C THR A 113 -12.69 -5.10 -5.65
N PHE A 114 -11.63 -5.92 -5.51
CA PHE A 114 -11.48 -6.78 -4.32
C PHE A 114 -11.21 -6.02 -3.03
N MET A 115 -10.59 -4.85 -3.15
CA MET A 115 -10.26 -4.02 -1.99
C MET A 115 -11.58 -3.46 -1.43
N ALA A 116 -12.33 -2.84 -2.33
CA ALA A 116 -13.66 -2.34 -2.02
C ALA A 116 -14.52 -3.49 -1.48
N ASP A 117 -14.44 -4.64 -2.15
CA ASP A 117 -15.14 -5.85 -1.72
C ASP A 117 -14.78 -6.19 -0.31
N VAL A 118 -13.47 -6.31 -0.05
CA VAL A 118 -12.98 -6.57 1.31
C VAL A 118 -13.41 -5.45 2.23
N THR A 119 -13.35 -4.22 1.74
CA THR A 119 -13.78 -3.09 2.55
C THR A 119 -15.26 -3.24 2.90
N ARG A 120 -16.08 -3.63 1.92
CA ARG A 120 -17.50 -3.91 2.22
C ARG A 120 -17.66 -5.02 3.23
N GLN A 121 -16.80 -6.05 3.20
CA GLN A 121 -16.92 -7.06 4.26
C GLN A 121 -16.65 -6.46 5.63
N PHE A 122 -15.72 -5.51 5.68
CA PHE A 122 -15.43 -4.83 6.96
C PHE A 122 -16.62 -3.96 7.37
N ILE A 123 -17.11 -3.19 6.42
CA ILE A 123 -18.33 -2.41 6.65
C ILE A 123 -19.42 -3.36 7.17
N ALA A 124 -19.68 -4.40 6.41
CA ALA A 124 -20.73 -5.36 6.75
C ALA A 124 -20.52 -6.05 8.11
N SER A 125 -19.27 -6.29 8.46
CA SER A 125 -18.91 -7.13 9.60
C SER A 125 -19.31 -6.64 11.00
N GLY A 126 -19.64 -5.37 11.15
CA GLY A 126 -19.82 -4.78 12.50
C GLY A 126 -18.53 -4.43 13.23
N TRP A 127 -17.38 -4.63 12.58
CA TRP A 127 -16.09 -4.28 13.17
C TRP A 127 -15.81 -2.78 12.99
N GLN A 128 -15.24 -2.14 14.00
CA GLN A 128 -14.69 -0.77 13.83
C GLN A 128 -13.22 -0.69 14.22
N GLY A 129 -12.51 0.23 13.58
CA GLY A 129 -11.10 0.48 13.86
C GLY A 129 -10.48 1.14 12.65
N VAL A 130 -9.20 0.90 12.44
CA VAL A 130 -8.46 1.53 11.35
C VAL A 130 -8.11 0.54 10.25
N LEU A 131 -8.34 0.94 9.03
CA LEU A 131 -7.85 0.21 7.86
C LEU A 131 -6.89 1.06 7.11
N VAL A 132 -5.90 0.43 6.49
CA VAL A 132 -4.95 1.09 5.63
C VAL A 132 -4.66 0.25 4.41
N ASP A 133 -4.51 0.92 3.28
CA ASP A 133 -4.03 0.27 2.06
C ASP A 133 -2.86 0.97 1.45
N ALA A 134 -2.27 0.32 0.46
CA ALA A 134 -1.23 0.90 -0.36
C ALA A 134 -1.61 0.77 -1.81
N LEU A 135 -2.87 1.10 -2.12
CA LEU A 135 -3.32 1.08 -3.51
C LEU A 135 -2.50 2.03 -4.37
N LYS A 136 -2.40 1.70 -5.64
CA LYS A 136 -1.62 2.54 -6.53
C LYS A 136 -2.47 3.30 -7.52
N ARG A 137 -3.62 2.73 -7.89
CA ARG A 137 -4.37 3.15 -9.08
C ARG A 137 -5.47 4.11 -8.72
N THR A 138 -5.48 5.26 -9.41
CA THR A 138 -6.52 6.29 -9.24
C THR A 138 -7.93 5.66 -9.19
N SER A 139 -8.21 4.70 -10.07
CA SER A 139 -9.57 4.18 -10.14
C SER A 139 -9.96 3.28 -8.96
N ALA A 140 -8.99 2.61 -8.33
CA ALA A 140 -9.29 1.84 -7.12
C ALA A 140 -9.59 2.77 -5.93
N VAL A 141 -8.87 3.87 -5.86
CA VAL A 141 -9.13 4.88 -4.84
C VAL A 141 -10.51 5.51 -5.05
N GLU A 142 -10.91 5.72 -6.29
CA GLU A 142 -12.24 6.25 -6.53
C GLU A 142 -13.30 5.32 -6.00
N GLN A 143 -13.14 4.03 -6.23
CA GLN A 143 -14.06 3.05 -5.67
C GLN A 143 -14.19 3.20 -4.15
N LEU A 144 -13.09 3.54 -3.49
CA LEU A 144 -13.12 3.80 -2.03
C LEU A 144 -13.74 5.15 -1.67
N ILE A 145 -13.51 6.16 -2.49
CA ILE A 145 -14.20 7.42 -2.31
C ILE A 145 -15.74 7.20 -2.24
N THR A 146 -16.27 6.40 -3.17
CA THR A 146 -17.73 6.15 -3.21
C THR A 146 -18.24 5.59 -1.88
N LEU A 147 -17.35 5.00 -1.11
CA LEU A 147 -17.75 4.36 0.15
C LEU A 147 -17.47 5.19 1.38
N ARG A 148 -17.04 6.43 1.19
CA ARG A 148 -16.54 7.16 2.35
C ARG A 148 -17.57 7.38 3.44
N GLU A 149 -18.84 7.60 3.09
CA GLU A 149 -19.89 7.70 4.11
C GLU A 149 -20.18 6.36 4.77
N ASP A 150 -20.28 5.32 3.97
CA ASP A 150 -20.50 3.96 4.52
C ASP A 150 -19.40 3.62 5.55
N LEU A 151 -18.17 4.03 5.24
CA LEU A 151 -17.04 3.87 6.19
C LEU A 151 -17.30 4.61 7.47
N ALA A 152 -17.59 5.89 7.33
CA ALA A 152 -17.81 6.74 8.49
C ALA A 152 -18.98 6.21 9.32
N GLN A 153 -20.07 5.84 8.64
CA GLN A 153 -21.22 5.22 9.29
C GLN A 153 -20.86 3.95 10.07
N ALA A 154 -19.94 3.16 9.50
CA ALA A 154 -19.48 1.92 10.16
C ALA A 154 -18.48 2.16 11.31
N GLY A 155 -17.99 3.38 11.47
CA GLY A 155 -17.03 3.68 12.54
C GLY A 155 -15.59 3.38 12.15
N ILE A 156 -15.37 3.24 10.85
CA ILE A 156 -14.07 2.90 10.35
C ILE A 156 -13.30 4.15 9.91
N THR A 157 -12.06 4.23 10.35
CA THR A 157 -11.14 5.21 9.84
C THR A 157 -10.27 4.54 8.79
N TYR A 158 -10.47 4.90 7.54
CA TYR A 158 -9.79 4.21 6.44
C TYR A 158 -8.72 5.15 5.88
N MET A 159 -7.47 4.68 5.84
CA MET A 159 -6.36 5.43 5.24
C MET A 159 -5.98 4.80 3.90
N THR A 160 -6.19 5.51 2.80
CA THR A 160 -5.91 4.96 1.47
C THR A 160 -4.69 5.56 0.80
N GLY A 161 -4.00 4.75 0.01
CA GLY A 161 -2.86 5.19 -0.74
C GLY A 161 -1.69 5.52 0.15
N CYS A 162 -1.47 4.70 1.16
CA CYS A 162 -0.51 5.04 2.22
C CYS A 162 0.76 4.19 2.15
N GLY A 163 1.21 3.98 0.93
CA GLY A 163 2.46 3.27 0.65
C GLY A 163 3.59 4.20 0.34
N ALA A 164 4.32 3.87 -0.74
CA ALA A 164 5.43 4.69 -1.19
C ALA A 164 4.90 5.78 -2.13
N THR A 165 4.35 5.36 -3.27
CA THR A 165 3.62 6.27 -4.16
C THR A 165 2.44 5.49 -4.71
N PRO A 166 1.21 5.93 -4.41
CA PRO A 166 0.96 7.00 -3.44
C PRO A 166 1.35 6.65 -2.01
N GLY A 167 1.55 7.71 -1.22
CA GLY A 167 1.78 7.60 0.20
C GLY A 167 2.87 8.58 0.56
N LEU A 168 4.03 8.02 0.91
CA LEU A 168 5.19 8.78 1.35
C LEU A 168 5.48 9.95 0.41
N LEU A 169 5.57 9.64 -0.87
CA LEU A 169 5.95 10.63 -1.84
C LEU A 169 4.83 11.65 -2.04
N THR A 170 3.58 11.21 -1.89
CA THR A 170 2.43 12.08 -1.97
C THR A 170 2.42 13.03 -0.80
N ALA A 171 2.64 12.52 0.41
CA ALA A 171 2.75 13.38 1.57
C ALA A 171 3.89 14.38 1.46
N ALA A 172 5.01 13.97 0.90
CA ALA A 172 6.14 14.89 0.74
C ALA A 172 5.79 16.04 -0.19
N ALA A 173 5.09 15.72 -1.29
CA ALA A 173 4.62 16.76 -2.24
C ALA A 173 3.66 17.75 -1.55
N ALA A 174 2.80 17.26 -0.67
CA ALA A 174 1.85 18.08 0.04
C ALA A 174 2.52 19.08 0.96
N ILE A 175 3.59 18.63 1.59
CA ILE A 175 4.40 19.46 2.44
C ILE A 175 5.14 20.46 1.58
N ALA A 176 5.74 19.98 0.51
CA ALA A 176 6.57 20.82 -0.33
C ALA A 176 5.79 21.95 -0.96
N SER A 177 4.53 21.67 -1.24
CA SER A 177 3.64 22.64 -1.89
C SER A 177 3.40 23.94 -1.09
N GLN A 178 3.72 23.93 0.21
CA GLN A 178 3.43 25.09 1.05
C GLN A 178 4.29 26.30 0.73
N SER A 179 5.41 26.12 0.03
CA SER A 179 6.21 27.27 -0.34
C SER A 179 5.60 28.11 -1.49
N PHE A 180 4.53 27.63 -2.10
CA PHE A 180 4.13 28.15 -3.43
C PHE A 180 2.74 28.72 -3.42
N GLN A 181 2.50 29.75 -4.22
CA GLN A 181 1.16 30.33 -4.37
C GLN A 181 0.34 29.43 -5.25
N GLU A 182 0.99 28.85 -6.25
CA GLU A 182 0.33 27.95 -7.15
C GLU A 182 1.29 26.86 -7.61
N ILE A 183 0.76 25.65 -7.67
CA ILE A 183 1.53 24.48 -8.12
C ILE A 183 1.32 24.23 -9.62
N HIS A 184 2.41 24.08 -10.35
CA HIS A 184 2.41 23.74 -11.78
C HIS A 184 2.59 22.26 -12.07
N GLN A 185 3.49 21.58 -11.37
CA GLN A 185 3.54 20.12 -11.54
C GLN A 185 4.10 19.40 -10.34
N VAL A 186 3.57 18.20 -10.13
CA VAL A 186 4.16 17.21 -9.26
C VAL A 186 4.56 16.00 -10.11
N LYS A 187 5.86 15.80 -10.25
CA LYS A 187 6.38 14.68 -11.04
C LYS A 187 7.08 13.67 -10.16
N ILE A 188 6.55 12.45 -10.16
CA ILE A 188 7.17 11.36 -9.47
C ILE A 188 7.83 10.39 -10.43
N THR A 189 9.08 10.06 -10.10
CA THR A 189 9.87 9.05 -10.81
C THR A 189 10.34 8.01 -9.78
N PHE A 190 9.87 6.76 -9.90
CA PHE A 190 10.27 5.76 -8.91
C PHE A 190 11.21 4.72 -9.51
N GLY A 191 12.09 4.19 -8.67
CA GLY A 191 12.94 3.08 -9.06
C GLY A 191 12.63 1.85 -8.22
N VAL A 192 12.57 0.68 -8.85
CA VAL A 192 12.46 -0.57 -8.07
C VAL A 192 13.50 -1.62 -8.55
N GLY A 193 14.26 -2.16 -7.61
CA GLY A 193 15.21 -3.25 -7.86
C GLY A 193 14.84 -4.48 -7.02
N ILE A 194 14.39 -5.54 -7.68
CA ILE A 194 14.17 -6.85 -7.02
C ILE A 194 14.96 -7.99 -7.67
N ALA A 195 15.41 -8.91 -6.83
CA ALA A 195 16.33 -9.98 -7.25
C ALA A 195 15.76 -10.88 -8.35
N ASN A 196 14.48 -11.22 -8.21
CA ASN A 196 13.71 -11.93 -9.24
C ASN A 196 12.23 -11.52 -9.11
N TRP A 197 11.49 -11.62 -10.20
CA TRP A 197 10.15 -10.99 -10.24
C TRP A 197 9.09 -11.69 -9.37
N GLU A 198 9.31 -12.97 -9.13
CA GLU A 198 8.37 -13.82 -8.37
C GLU A 198 8.25 -13.37 -6.93
N ALA A 199 9.32 -12.81 -6.40
CA ALA A 199 9.33 -12.31 -5.03
C ALA A 199 8.17 -11.32 -4.76
N TYR A 200 7.75 -10.59 -5.79
CA TYR A 200 6.58 -9.69 -5.71
C TYR A 200 5.69 -9.88 -6.95
N ARG A 201 5.23 -11.11 -7.12
CA ARG A 201 4.59 -11.49 -8.38
C ARG A 201 3.36 -10.63 -8.67
N ALA A 202 2.56 -10.37 -7.63
CA ALA A 202 1.37 -9.55 -7.79
C ALA A 202 1.74 -8.13 -8.22
N THR A 203 2.67 -7.53 -7.48
CA THR A 203 3.13 -6.17 -7.77
C THR A 203 3.60 -6.06 -9.23
N ILE A 204 4.35 -7.06 -9.69
CA ILE A 204 4.86 -7.09 -11.06
C ILE A 204 3.74 -7.31 -12.09
N ARG A 205 2.80 -8.21 -11.79
CA ARG A 205 1.63 -8.42 -12.64
C ARG A 205 0.77 -7.15 -12.71
N GLU A 206 0.68 -6.42 -11.61
CA GLU A 206 -0.06 -5.15 -11.56
C GLU A 206 0.63 -4.06 -12.42
N ASP A 207 1.96 -4.01 -12.44
CA ASP A 207 2.66 -3.08 -13.32
C ASP A 207 2.41 -3.43 -14.78
N ILE A 208 2.62 -4.69 -15.11
CA ILE A 208 2.38 -5.15 -16.46
C ILE A 208 0.98 -4.74 -16.92
N ALA A 209 -0.01 -4.85 -16.04
CA ALA A 209 -1.41 -4.49 -16.35
C ALA A 209 -1.58 -3.08 -16.86
N HIS A 210 -0.79 -2.14 -16.35
CA HIS A 210 -0.88 -0.73 -16.77
C HIS A 210 0.29 -0.37 -17.69
N MET A 211 0.71 -1.35 -18.47
CA MET A 211 1.70 -1.19 -19.49
C MET A 211 0.89 -1.07 -20.80
N PRO A 212 1.38 -0.29 -21.78
CA PRO A 212 0.56 0.10 -22.94
C PRO A 212 0.06 -1.06 -23.79
N GLY A 213 0.86 -2.12 -23.91
CA GLY A 213 0.43 -3.29 -24.66
C GLY A 213 -0.67 -4.13 -23.98
N TYR A 214 -1.08 -3.78 -22.76
CA TYR A 214 -1.83 -4.70 -21.89
C TYR A 214 -2.96 -4.04 -21.09
N ASN A 215 -3.59 -4.83 -20.22
CA ASN A 215 -4.58 -4.37 -19.24
C ASN A 215 -4.70 -5.37 -18.08
N VAL A 216 -5.54 -5.10 -17.08
CA VAL A 216 -5.58 -5.89 -15.86
C VAL A 216 -5.95 -7.36 -16.08
N ASP A 217 -6.90 -7.62 -16.96
CA ASP A 217 -7.43 -8.98 -17.15
C ASP A 217 -6.41 -9.82 -17.89
N LYS A 218 -5.79 -9.24 -18.90
CA LYS A 218 -4.76 -9.91 -19.69
C LYS A 218 -3.53 -10.17 -18.83
N ALA A 219 -3.25 -9.24 -17.93
CA ALA A 219 -2.14 -9.37 -17.01
C ALA A 219 -2.35 -10.59 -16.13
N GLN A 220 -3.55 -10.68 -15.56
CA GLN A 220 -3.91 -11.79 -14.70
C GLN A 220 -4.09 -13.08 -15.46
N ALA A 221 -4.48 -12.99 -16.73
CA ALA A 221 -4.60 -14.15 -17.61
C ALA A 221 -3.25 -14.81 -17.92
N MET A 222 -2.21 -14.00 -18.05
CA MET A 222 -0.88 -14.48 -18.39
C MET A 222 -0.31 -15.53 -17.45
N THR A 223 0.48 -16.45 -18.01
CA THR A 223 1.18 -17.46 -17.23
C THR A 223 2.51 -16.90 -16.76
N ASP A 224 3.07 -17.52 -15.73
CA ASP A 224 4.44 -17.21 -15.31
C ASP A 224 5.42 -17.30 -16.48
N ALA A 225 5.13 -18.20 -17.41
CA ALA A 225 6.02 -18.42 -18.54
C ALA A 225 5.99 -17.19 -19.43
N GLU A 226 4.79 -16.76 -19.76
CA GLU A 226 4.60 -15.65 -20.67
C GLU A 226 5.11 -14.35 -20.02
N VAL A 227 5.00 -14.28 -18.70
CA VAL A 227 5.54 -13.14 -17.96
C VAL A 227 7.04 -13.09 -18.16
N ALA A 228 7.72 -14.21 -17.89
CA ALA A 228 9.18 -14.26 -18.01
C ALA A 228 9.63 -13.95 -19.44
N ALA A 229 8.80 -14.31 -20.41
CA ALA A 229 9.07 -14.05 -21.81
C ALA A 229 9.15 -12.56 -22.07
N LEU A 230 8.11 -11.86 -21.63
CA LEU A 230 8.03 -10.42 -21.80
C LEU A 230 9.25 -9.74 -21.20
N LEU A 231 9.56 -10.09 -19.96
CA LEU A 231 10.72 -9.56 -19.26
C LEU A 231 12.06 -9.84 -19.95
N ASP A 232 12.16 -10.95 -20.70
CA ASP A 232 13.41 -11.30 -21.40
C ASP A 232 13.75 -10.30 -22.49
N GLN A 233 12.73 -9.89 -23.22
CA GLN A 233 12.86 -8.81 -24.19
C GLN A 233 13.80 -7.68 -23.68
N THR A 234 13.72 -7.33 -22.41
CA THR A 234 14.43 -6.14 -21.90
C THR A 234 15.32 -6.42 -20.70
N ASN A 235 15.82 -7.65 -20.59
CA ASN A 235 16.67 -8.05 -19.45
C ASN A 235 16.00 -7.83 -18.10
N GLY A 236 14.67 -7.95 -18.05
CA GLY A 236 13.91 -7.82 -16.81
C GLY A 236 13.51 -6.41 -16.40
N ILE A 237 13.68 -5.45 -17.30
CA ILE A 237 13.52 -4.03 -17.01
C ILE A 237 12.21 -3.48 -17.60
N LEU A 238 11.36 -2.91 -16.75
CA LEU A 238 10.07 -2.32 -17.16
C LEU A 238 10.15 -0.79 -17.04
N ALA A 239 9.98 -0.10 -18.16
CA ALA A 239 10.03 1.36 -18.18
C ALA A 239 8.61 1.86 -18.35
N LEU A 240 8.08 2.48 -17.29
CA LEU A 240 6.68 2.88 -17.22
C LEU A 240 6.61 4.41 -17.18
N GLU A 241 5.97 5.00 -18.17
CA GLU A 241 5.85 6.44 -18.30
C GLU A 241 4.37 6.79 -18.06
N ASP A 242 4.14 7.93 -17.44
CA ASP A 242 2.77 8.47 -17.22
C ASP A 242 1.71 7.44 -16.86
N MET A 243 1.97 6.66 -15.81
CA MET A 243 1.05 5.61 -15.40
C MET A 243 -0.12 6.20 -14.67
N GLU A 244 -1.22 5.43 -14.64
CA GLU A 244 -2.34 5.72 -13.78
C GLU A 244 -1.87 5.55 -12.35
N HIS A 245 -2.10 6.58 -11.53
CA HIS A 245 -1.54 6.62 -10.17
C HIS A 245 -2.25 7.60 -9.27
N ALA A 246 -2.91 7.06 -8.24
CA ALA A 246 -3.81 7.77 -7.37
C ALA A 246 -3.21 8.97 -6.65
N ASP A 247 -1.90 9.16 -6.77
CA ASP A 247 -1.29 10.38 -6.26
C ASP A 247 -2.09 11.59 -6.76
N ASP A 248 -2.61 11.46 -7.99
CA ASP A 248 -3.20 12.60 -8.68
C ASP A 248 -4.47 13.11 -8.01
N ILE A 249 -5.40 12.22 -7.74
CA ILE A 249 -6.62 12.53 -7.05
C ILE A 249 -6.41 12.84 -5.57
N MET A 250 -5.42 12.23 -4.95
CA MET A 250 -5.13 12.52 -3.57
C MET A 250 -4.68 13.98 -3.40
N LEU A 251 -3.79 14.45 -4.27
CA LEU A 251 -3.36 15.83 -4.24
C LEU A 251 -4.44 16.84 -4.68
N GLU A 252 -5.38 16.39 -5.50
CA GLU A 252 -6.57 17.19 -5.83
C GLU A 252 -7.52 17.33 -4.64
N LEU A 253 -7.83 16.24 -3.96
CA LEU A 253 -8.67 16.29 -2.78
C LEU A 253 -8.07 17.13 -1.68
N ALA A 254 -6.75 17.13 -1.58
CA ALA A 254 -6.07 17.96 -0.58
C ALA A 254 -5.95 19.42 -1.03
N GLY A 255 -6.40 19.76 -2.22
CA GLY A 255 -6.52 21.17 -2.58
C GLY A 255 -5.28 21.81 -3.12
N ILE A 256 -4.34 20.95 -3.52
CA ILE A 256 -3.01 21.37 -3.88
C ILE A 256 -2.83 21.63 -5.38
N CYS A 257 -3.39 20.77 -6.21
CA CYS A 257 -3.30 20.92 -7.65
C CYS A 257 -4.35 20.02 -8.28
N HIS A 258 -4.61 20.22 -9.57
CA HIS A 258 -5.52 19.34 -10.28
C HIS A 258 -4.74 18.05 -10.65
N ARG A 259 -5.45 16.94 -10.67
CA ARG A 259 -4.87 15.65 -11.05
C ARG A 259 -4.02 15.66 -12.31
N ASP A 260 -4.42 16.43 -13.32
CA ASP A 260 -3.64 16.50 -14.54
C ASP A 260 -2.23 17.08 -14.39
N GLN A 261 -1.96 17.74 -13.28
CA GLN A 261 -0.62 18.29 -13.07
C GLN A 261 0.27 17.28 -12.31
N VAL A 262 -0.25 16.07 -12.08
CA VAL A 262 0.48 15.02 -11.40
C VAL A 262 0.83 13.91 -12.40
N THR A 263 2.11 13.63 -12.58
CA THR A 263 2.56 12.54 -13.45
C THR A 263 3.45 11.57 -12.68
N VAL A 264 3.31 10.27 -12.96
CA VAL A 264 4.05 9.23 -12.22
C VAL A 264 4.61 8.24 -13.23
N GLY A 265 5.94 8.07 -13.24
CA GLY A 265 6.58 7.03 -14.04
C GLY A 265 7.68 6.40 -13.24
N GLY A 266 8.31 5.38 -13.81
CA GLY A 266 9.37 4.71 -13.11
C GLY A 266 10.00 3.56 -13.88
N VAL A 267 11.01 2.97 -13.25
CA VAL A 267 11.71 1.85 -13.82
C VAL A 267 11.77 0.76 -12.78
N VAL A 268 11.30 -0.42 -13.19
CA VAL A 268 11.48 -1.59 -12.35
C VAL A 268 12.41 -2.60 -13.07
N ASP A 269 13.45 -2.98 -12.36
CA ASP A 269 14.45 -3.97 -12.77
C ASP A 269 14.18 -5.23 -11.93
N THR A 270 13.71 -6.27 -12.60
CA THR A 270 13.32 -7.53 -11.97
C THR A 270 14.46 -8.52 -11.80
N ARG A 271 15.67 -8.12 -12.18
CA ARG A 271 16.82 -8.99 -12.25
C ARG A 271 17.97 -8.40 -11.43
N ASN A 272 17.65 -7.54 -10.46
CA ASN A 272 18.69 -6.90 -9.66
C ASN A 272 18.14 -6.33 -8.35
N PRO A 273 18.68 -6.73 -7.20
CA PRO A 273 18.25 -6.09 -5.94
C PRO A 273 18.64 -4.61 -5.82
N LYS A 274 19.62 -4.15 -6.60
CA LYS A 274 19.92 -2.72 -6.67
C LYS A 274 18.86 -1.93 -7.44
N LYS A 275 18.46 -0.81 -6.84
CA LYS A 275 17.48 0.08 -7.45
C LYS A 275 18.08 0.73 -8.70
N PRO A 276 17.36 0.67 -9.83
CA PRO A 276 17.90 1.14 -11.10
C PRO A 276 18.02 2.66 -11.24
N LEU A 277 17.36 3.41 -10.35
CA LEU A 277 17.51 4.86 -10.28
C LEU A 277 16.97 5.28 -8.97
N SER A 278 17.24 6.53 -8.62
CA SER A 278 16.87 7.01 -7.31
C SER A 278 15.43 7.51 -7.40
N THR A 279 14.55 6.94 -6.59
CA THR A 279 13.14 7.41 -6.49
C THR A 279 13.05 8.86 -5.97
N HIS A 280 12.29 9.71 -6.66
CA HIS A 280 12.13 11.08 -6.23
C HIS A 280 10.80 11.64 -6.69
N VAL A 281 10.41 12.73 -6.02
CA VAL A 281 9.27 13.53 -6.46
C VAL A 281 9.75 14.98 -6.59
N LYS A 282 9.40 15.62 -7.71
CA LYS A 282 9.74 17.02 -7.93
C LYS A 282 8.45 17.84 -7.92
N ILE A 283 8.47 18.94 -7.17
CA ILE A 283 7.30 19.78 -7.01
C ILE A 283 7.61 21.18 -7.52
N THR A 284 6.94 21.53 -8.60
CA THR A 284 7.18 22.79 -9.28
C THR A 284 5.98 23.73 -9.09
N GLY A 285 6.26 24.99 -8.75
CA GLY A 285 5.19 25.96 -8.59
C GLY A 285 5.71 27.37 -8.68
N ARG A 286 4.80 28.34 -8.50
CA ARG A 286 5.14 29.73 -8.50
C ARG A 286 4.96 30.30 -7.09
N THR A 287 5.97 30.99 -6.61
CA THR A 287 5.94 31.64 -5.29
C THR A 287 5.24 32.99 -5.37
N PHE A 288 4.86 33.54 -4.21
CA PHE A 288 4.12 34.81 -4.15
C PHE A 288 4.91 35.92 -4.80
N GLU A 289 6.22 35.75 -4.89
CA GLU A 289 7.08 36.70 -5.55
C GLU A 289 7.15 36.44 -7.07
N GLY A 290 6.28 35.58 -7.63
CA GLY A 290 6.32 35.24 -9.06
C GLY A 290 7.56 34.50 -9.54
N LYS A 291 8.33 33.92 -8.63
CA LYS A 291 9.42 33.05 -9.05
C LYS A 291 8.89 31.63 -9.28
N ILE A 292 9.40 30.99 -10.33
CA ILE A 292 9.04 29.60 -10.61
C ILE A 292 10.19 28.74 -10.15
N SER A 293 9.88 27.65 -9.47
CA SER A 293 10.93 26.85 -8.84
C SER A 293 10.41 25.50 -8.45
N SER A 294 11.34 24.67 -8.01
CA SER A 294 11.04 23.28 -7.70
C SER A 294 11.72 22.80 -6.45
N HIS A 295 10.97 22.09 -5.60
CA HIS A 295 11.56 21.28 -4.54
C HIS A 295 11.65 19.82 -5.01
N THR A 296 12.65 19.11 -4.48
CA THR A 296 12.88 17.69 -4.76
C THR A 296 13.08 16.90 -3.48
N PHE A 297 12.31 15.83 -3.34
CA PHE A 297 12.47 14.88 -2.27
C PHE A 297 12.96 13.55 -2.86
N THR A 298 14.13 13.09 -2.44
CA THR A 298 14.71 11.89 -3.02
C THR A 298 14.88 10.84 -1.94
N LEU A 299 14.59 9.59 -2.32
CA LEU A 299 14.72 8.46 -1.39
C LEU A 299 16.09 7.78 -1.57
N GLY A 300 16.62 7.21 -0.50
CA GLY A 300 17.93 6.55 -0.56
C GLY A 300 17.84 5.21 -1.28
N ASP A 301 18.86 4.93 -2.08
CA ASP A 301 18.86 3.77 -2.93
C ASP A 301 18.74 2.48 -2.15
N GLU A 302 19.14 2.48 -0.89
CA GLU A 302 19.07 1.30 -0.06
C GLU A 302 17.79 1.20 0.79
N THR A 303 16.79 2.06 0.54
CA THR A 303 15.50 1.89 1.19
C THR A 303 14.78 1.08 0.14
N SER A 304 14.32 -0.13 0.49
CA SER A 304 13.74 -1.00 -0.53
C SER A 304 12.30 -0.60 -0.77
N MET A 305 11.70 -1.19 -1.79
CA MET A 305 10.29 -0.98 -2.01
C MET A 305 9.45 -1.37 -0.81
N ALA A 306 9.82 -2.48 -0.18
CA ALA A 306 9.08 -2.98 0.96
C ALA A 306 9.19 -2.02 2.12
N ALA A 307 10.37 -1.46 2.35
CA ALA A 307 10.49 -0.47 3.43
C ALA A 307 9.68 0.83 3.13
N ASN A 308 9.75 1.30 1.90
CA ASN A 308 9.08 2.56 1.54
C ASN A 308 7.53 2.45 1.39
N VAL A 309 7.04 1.20 1.33
CA VAL A 309 5.61 0.94 1.33
C VAL A 309 5.14 0.66 2.73
N CYS A 310 5.76 -0.31 3.42
CA CYS A 310 5.17 -0.78 4.68
C CYS A 310 5.46 0.09 5.87
N GLY A 311 6.58 0.80 5.86
CA GLY A 311 6.87 1.75 6.93
C GLY A 311 5.81 2.83 6.98
N PRO A 312 5.59 3.53 5.86
CA PRO A 312 4.54 4.54 5.88
C PRO A 312 3.17 3.96 6.18
N ALA A 313 2.88 2.77 5.65
CA ALA A 313 1.58 2.16 5.92
C ALA A 313 1.25 2.06 7.40
N PHE A 314 2.20 1.61 8.20
CA PHE A 314 1.94 1.50 9.61
C PHE A 314 2.03 2.83 10.32
N GLY A 315 2.80 3.78 9.76
CA GLY A 315 2.79 5.11 10.32
C GLY A 315 1.42 5.73 10.11
N TYR A 316 0.81 5.45 8.96
CA TYR A 316 -0.57 5.89 8.74
C TYR A 316 -1.61 5.13 9.56
N LEU A 317 -1.35 3.84 9.81
CA LEU A 317 -2.24 3.08 10.68
C LEU A 317 -2.24 3.74 12.06
N LYS A 318 -1.05 4.07 12.56
CA LYS A 318 -0.95 4.70 13.88
C LYS A 318 -1.64 6.04 13.89
N ALA A 319 -1.39 6.84 12.86
CA ALA A 319 -2.08 8.11 12.70
C ALA A 319 -3.58 7.92 12.61
N GLY A 320 -4.03 6.99 11.77
CA GLY A 320 -5.43 6.68 11.69
C GLY A 320 -6.05 6.31 13.01
N TYR A 321 -5.31 5.57 13.81
CA TYR A 321 -5.78 5.24 15.16
C TYR A 321 -5.98 6.47 16.03
N GLY A 322 -5.07 7.43 15.89
CA GLY A 322 -5.18 8.71 16.58
C GLY A 322 -6.46 9.42 16.20
N LEU A 323 -6.75 9.46 14.90
CA LEU A 323 -7.97 10.06 14.39
C LEU A 323 -9.19 9.28 14.84
N HIS A 324 -9.12 7.96 14.71
CA HIS A 324 -10.25 7.14 15.13
C HIS A 324 -10.57 7.41 16.59
N ARG A 325 -9.56 7.39 17.44
CA ARG A 325 -9.70 7.61 18.90
C ARG A 325 -10.38 8.91 19.28
N GLN A 326 -10.18 9.95 18.48
CA GLN A 326 -10.85 11.21 18.73
C GLN A 326 -12.14 11.31 17.91
N GLY A 327 -12.62 10.18 17.41
CA GLY A 327 -13.93 10.11 16.78
C GLY A 327 -14.00 10.56 15.35
N LEU A 328 -12.86 10.62 14.66
CA LEU A 328 -12.89 10.95 13.26
C LEU A 328 -12.87 9.65 12.46
N LYS A 329 -13.94 9.43 11.69
CA LYS A 329 -14.09 8.23 10.86
C LYS A 329 -14.15 8.74 9.44
N GLY A 330 -14.21 7.80 8.50
CA GLY A 330 -14.27 8.12 7.08
C GLY A 330 -12.97 7.80 6.36
N LEU A 331 -12.79 8.42 5.21
CA LEU A 331 -11.70 8.15 4.30
C LEU A 331 -10.68 9.27 4.44
N PHE A 332 -9.42 8.89 4.65
CA PHE A 332 -8.33 9.84 4.68
C PHE A 332 -7.28 9.38 3.70
N THR A 333 -6.59 10.32 3.10
CA THR A 333 -5.51 9.96 2.23
C THR A 333 -4.21 10.37 2.92
N ALA A 334 -3.10 9.90 2.35
CA ALA A 334 -1.77 10.20 2.82
C ALA A 334 -1.48 11.68 2.76
N ALA A 335 -2.13 12.37 1.83
CA ALA A 335 -1.93 13.81 1.65
C ALA A 335 -2.62 14.66 2.73
N ASP A 336 -3.56 14.06 3.46
CA ASP A 336 -4.41 14.73 4.43
C ASP A 336 -3.87 14.72 5.86
N VAL A 337 -3.00 13.77 6.21
CA VAL A 337 -2.70 13.57 7.61
C VAL A 337 -1.23 13.27 7.76
N MET A 338 -0.66 13.67 8.88
CA MET A 338 0.75 13.42 9.20
C MET A 338 0.90 11.98 9.74
N PRO A 339 1.67 11.15 9.04
CA PRO A 339 1.80 9.79 9.62
C PRO A 339 2.59 9.91 10.92
N LYS A 340 2.48 8.90 11.79
CA LYS A 340 3.15 8.91 13.12
C LYS A 340 4.15 7.77 13.20
N PHE A 341 5.36 8.12 13.56
CA PHE A 341 6.45 7.19 13.62
C PHE A 341 6.10 6.04 14.57
N VAL A 342 6.22 4.81 14.09
CA VAL A 342 5.90 3.66 14.93
C VAL A 342 7.19 3.11 15.62
N ARG A 343 7.16 2.97 16.94
CA ARG A 343 8.35 2.41 17.66
C ARG A 343 8.09 1.02 18.15
#